data_2NPX
#
_entry.id   2NPX
#
_cell.length_a   77.200
_cell.length_b   134.500
_cell.length_c   145.900
_cell.angle_alpha   90.00
_cell.angle_beta   90.00
_cell.angle_gamma   90.00
#
_symmetry.space_group_name_H-M   'I 2 2 2'
#
loop_
_entity.id
_entity.type
_entity.pdbx_description
1 polymer 'NADH PEROXIDASE'
2 non-polymer 'FLAVIN-ADENINE DINUCLEOTIDE'
3 non-polymer NICOTINAMIDE-ADENINE-DINUCLEOTIDE
4 water water
#
_entity_poly.entity_id   1
_entity_poly.type   'polypeptide(L)'
_entity_poly.pdbx_seq_one_letter_code
;MKVIVLGSSHGGYEAVEELLNLHPDAEIQWYEKGDFISFLS(OCS)GMQLYLEGKVKDVNSVRYMTGEKMESRGVNVFSN
TEITAIQPKEHQVTVKDLVSGEERVENYDKLIISPGAVPFELDIPGKDLDNIYLMRGRQWAIKLKQKTVDPEVNNVVVIG
SGYIGIEAAEAFAKAGKKVTVIDILDRPLGVYLDKEFTDVLTEEMEANNITIATGETVERYEGDGRVQKVVTDKNAYDAD
LVVVAVGVRPNTAWLKGTLELHPNGLIKTDEYMRTSEPDVFAVGDATLIKYNPADTEVNIALATNARKQGRFAVKNLEEP
VKPFPGVQGSSGLAVFDYKFASTGINEVMAQKLGKETKAVTVVEDYLMDFNPDKQKAWFKLVYDPETTQILGAQLMSKAD
LTANINAISLAIQAKMTIEDLAYADFFFQPAFDKPWNIINTAALEAVKQER
;
_entity_poly.pdbx_strand_id   A
#
# COMPACT_ATOMS: atom_id res chain seq x y z
N MET A 1 -15.97 25.78 -15.83
CA MET A 1 -14.70 25.42 -15.23
C MET A 1 -14.40 24.08 -15.91
N LYS A 2 -13.24 23.83 -16.45
CA LYS A 2 -12.92 22.58 -17.08
C LYS A 2 -11.85 22.01 -16.17
N VAL A 3 -12.00 20.79 -15.65
CA VAL A 3 -11.00 20.18 -14.81
C VAL A 3 -10.47 18.92 -15.51
N ILE A 4 -9.15 18.72 -15.62
CA ILE A 4 -8.58 17.52 -16.23
C ILE A 4 -8.01 16.73 -15.07
N VAL A 5 -8.40 15.45 -14.96
CA VAL A 5 -7.85 14.55 -13.95
C VAL A 5 -7.00 13.51 -14.67
N LEU A 6 -5.75 13.31 -14.27
CA LEU A 6 -4.91 12.30 -14.86
C LEU A 6 -4.91 11.06 -13.96
N GLY A 7 -5.27 9.87 -14.49
CA GLY A 7 -5.15 8.61 -13.79
C GLY A 7 -6.46 8.02 -13.41
N SER A 8 -6.73 6.73 -13.66
CA SER A 8 -8.03 6.19 -13.26
C SER A 8 -7.86 5.26 -12.04
N SER A 9 -6.73 5.31 -11.35
CA SER A 9 -6.56 4.45 -10.22
C SER A 9 -7.08 5.21 -9.01
N HIS A 10 -6.70 4.87 -7.79
CA HIS A 10 -7.40 5.36 -6.61
C HIS A 10 -7.36 6.87 -6.36
N GLY A 11 -6.27 7.58 -6.62
CA GLY A 11 -6.29 9.03 -6.42
C GLY A 11 -7.11 9.75 -7.50
N GLY A 12 -6.89 9.49 -8.79
CA GLY A 12 -7.66 10.15 -9.84
C GLY A 12 -9.15 9.79 -9.79
N TYR A 13 -9.51 8.55 -9.45
CA TYR A 13 -10.93 8.16 -9.34
C TYR A 13 -11.64 8.99 -8.24
N GLU A 14 -11.11 9.14 -7.01
CA GLU A 14 -11.81 9.92 -5.99
C GLU A 14 -11.88 11.42 -6.26
N ALA A 15 -10.89 11.98 -6.97
CA ALA A 15 -10.96 13.36 -7.42
C ALA A 15 -12.15 13.49 -8.36
N VAL A 16 -12.39 12.55 -9.30
CA VAL A 16 -13.58 12.68 -10.14
C VAL A 16 -14.82 12.55 -9.28
N GLU A 17 -14.88 11.66 -8.29
CA GLU A 17 -16.07 11.56 -7.46
C GLU A 17 -16.35 12.85 -6.71
N GLU A 18 -15.39 13.39 -5.96
CA GLU A 18 -15.61 14.65 -5.29
C GLU A 18 -15.91 15.79 -6.27
N LEU A 19 -15.39 15.85 -7.51
CA LEU A 19 -15.78 16.89 -8.46
C LEU A 19 -17.23 16.68 -8.80
N LEU A 20 -17.77 15.46 -8.81
CA LEU A 20 -19.14 15.26 -9.21
C LEU A 20 -20.07 15.74 -8.13
N ASN A 21 -19.74 15.56 -6.87
CA ASN A 21 -20.67 16.09 -5.92
C ASN A 21 -20.32 17.50 -5.47
N LEU A 22 -19.11 18.06 -5.68
CA LEU A 22 -18.89 19.48 -5.36
C LEU A 22 -18.99 20.40 -6.55
N HIS A 23 -18.68 20.03 -7.79
CA HIS A 23 -18.82 20.92 -8.92
C HIS A 23 -19.54 20.20 -10.04
N PRO A 24 -20.83 19.88 -9.87
CA PRO A 24 -21.62 19.05 -10.80
C PRO A 24 -21.66 19.61 -12.22
N ASP A 25 -21.61 20.92 -12.18
CA ASP A 25 -21.54 21.85 -13.27
C ASP A 25 -20.30 21.78 -14.12
N ALA A 26 -19.19 21.26 -13.59
CA ALA A 26 -17.91 21.43 -14.27
C ALA A 26 -17.78 20.61 -15.53
N GLU A 27 -16.83 20.85 -16.42
CA GLU A 27 -16.62 19.98 -17.55
C GLU A 27 -15.46 19.12 -17.04
N ILE A 28 -15.59 17.82 -16.84
CA ILE A 28 -14.52 16.98 -16.31
C ILE A 28 -13.99 16.09 -17.40
N GLN A 29 -12.68 15.99 -17.52
CA GLN A 29 -12.08 15.07 -18.47
C GLN A 29 -11.26 14.10 -17.67
N TRP A 30 -11.32 12.78 -17.88
CA TRP A 30 -10.59 11.81 -17.06
C TRP A 30 -9.70 11.05 -18.01
N TYR A 31 -8.40 11.07 -17.84
CA TYR A 31 -7.49 10.41 -18.77
C TYR A 31 -6.83 9.13 -18.22
N GLU A 32 -6.64 8.07 -19.01
CA GLU A 32 -5.97 6.86 -18.57
C GLU A 32 -5.22 6.36 -19.78
N LYS A 33 -3.89 6.28 -19.74
CA LYS A 33 -3.09 5.75 -20.85
C LYS A 33 -3.24 4.25 -21.06
N GLY A 34 -3.72 3.55 -20.03
CA GLY A 34 -3.92 2.14 -20.11
C GLY A 34 -5.24 1.90 -20.77
N ASP A 35 -5.42 0.64 -20.99
CA ASP A 35 -6.59 0.16 -21.65
C ASP A 35 -7.78 -0.11 -20.73
N PHE A 36 -7.59 -0.28 -19.43
CA PHE A 36 -8.66 -0.70 -18.55
C PHE A 36 -8.87 0.38 -17.51
N ILE A 37 -10.06 0.95 -17.40
CA ILE A 37 -10.35 1.90 -16.35
C ILE A 37 -10.44 1.24 -14.97
N SER A 38 -9.77 1.75 -13.95
CA SER A 38 -9.91 1.31 -12.54
C SER A 38 -9.85 -0.15 -12.10
N PHE A 39 -8.84 -0.84 -12.64
CA PHE A 39 -8.50 -2.17 -12.23
C PHE A 39 -7.99 -2.04 -10.81
N LEU A 40 -8.44 -2.91 -9.91
CA LEU A 40 -8.01 -2.87 -8.55
C LEU A 40 -6.81 -3.78 -8.32
N SER A 41 -5.56 -3.31 -8.39
CA SER A 41 -4.46 -4.20 -8.12
C SER A 41 -4.50 -4.83 -6.74
N GLY A 43 -6.93 -6.38 -5.29
CA GLY A 43 -7.66 -7.62 -5.34
C GLY A 43 -6.86 -8.72 -6.06
N MET A 44 -5.58 -8.50 -6.42
CA MET A 44 -4.77 -9.44 -7.19
C MET A 44 -4.62 -10.77 -6.44
N GLN A 45 -4.46 -10.74 -5.12
CA GLN A 45 -4.33 -11.95 -4.34
C GLN A 45 -5.61 -12.79 -4.39
N LEU A 46 -6.77 -12.18 -4.21
CA LEU A 46 -8.04 -12.90 -4.27
C LEU A 46 -8.16 -13.59 -5.62
N TYR A 47 -7.79 -12.96 -6.71
CA TYR A 47 -7.85 -13.54 -8.03
C TYR A 47 -6.82 -14.68 -8.15
N LEU A 48 -5.60 -14.53 -7.68
CA LEU A 48 -4.58 -15.53 -7.89
C LEU A 48 -4.82 -16.79 -7.11
N GLU A 49 -5.54 -16.68 -6.00
CA GLU A 49 -5.86 -17.87 -5.25
C GLU A 49 -7.17 -18.44 -5.74
N GLY A 50 -7.90 -17.87 -6.73
CA GLY A 50 -9.09 -18.50 -7.27
C GLY A 50 -10.36 -18.12 -6.56
N LYS A 51 -10.27 -17.29 -5.55
CA LYS A 51 -11.45 -16.77 -4.91
C LYS A 51 -12.25 -15.98 -5.92
N VAL A 52 -11.61 -15.23 -6.85
CA VAL A 52 -12.34 -14.46 -7.89
C VAL A 52 -11.92 -15.09 -9.21
N LYS A 53 -12.86 -15.45 -10.08
CA LYS A 53 -12.54 -16.16 -11.31
C LYS A 53 -12.30 -15.19 -12.45
N ASP A 54 -13.06 -14.10 -12.45
CA ASP A 54 -13.00 -13.17 -13.54
C ASP A 54 -12.06 -12.01 -13.28
N VAL A 55 -10.93 -11.88 -13.99
CA VAL A 55 -10.00 -10.80 -13.71
C VAL A 55 -10.63 -9.42 -14.01
N ASN A 56 -11.57 -9.35 -14.95
CA ASN A 56 -12.17 -8.09 -15.33
C ASN A 56 -13.23 -7.60 -14.37
N SER A 57 -13.52 -8.39 -13.33
CA SER A 57 -14.51 -7.92 -12.40
C SER A 57 -13.73 -7.32 -11.22
N VAL A 58 -12.41 -7.45 -11.15
CA VAL A 58 -11.63 -6.91 -10.04
C VAL A 58 -11.43 -5.42 -10.35
N ARG A 59 -12.46 -4.60 -10.17
CA ARG A 59 -12.43 -3.21 -10.54
C ARG A 59 -13.51 -2.45 -9.78
N TYR A 60 -13.46 -1.11 -9.75
CA TYR A 60 -14.51 -0.34 -9.05
C TYR A 60 -15.17 0.72 -9.88
N MET A 61 -14.87 0.83 -11.16
CA MET A 61 -15.57 1.81 -12.00
C MET A 61 -15.39 1.34 -13.44
N THR A 62 -16.24 1.79 -14.37
CA THR A 62 -15.99 1.51 -15.77
C THR A 62 -16.04 2.87 -16.47
N GLY A 63 -15.45 3.00 -17.66
CA GLY A 63 -15.56 4.26 -18.36
C GLY A 63 -17.01 4.58 -18.68
N GLU A 64 -17.78 3.57 -19.09
CA GLU A 64 -19.18 3.73 -19.46
C GLU A 64 -20.02 4.28 -18.30
N LYS A 65 -19.75 3.83 -17.09
CA LYS A 65 -20.50 4.31 -15.94
C LYS A 65 -20.19 5.80 -15.74
N MET A 66 -18.92 6.24 -15.79
CA MET A 66 -18.59 7.65 -15.61
C MET A 66 -19.18 8.49 -16.72
N GLU A 67 -19.14 7.99 -17.95
CA GLU A 67 -19.78 8.71 -19.02
C GLU A 67 -21.27 8.86 -18.84
N SER A 68 -21.98 7.95 -18.17
CA SER A 68 -23.40 8.18 -17.93
C SER A 68 -23.57 9.41 -17.05
N ARG A 69 -22.54 9.69 -16.25
CA ARG A 69 -22.51 10.79 -15.31
C ARG A 69 -22.03 12.09 -15.92
N GLY A 70 -21.67 12.14 -17.20
CA GLY A 70 -21.23 13.36 -17.82
C GLY A 70 -19.74 13.58 -17.85
N VAL A 71 -18.93 12.68 -17.30
CA VAL A 71 -17.49 12.79 -17.34
C VAL A 71 -17.04 12.30 -18.72
N ASN A 72 -16.00 12.87 -19.31
CA ASN A 72 -15.46 12.42 -20.59
C ASN A 72 -14.31 11.50 -20.27
N VAL A 73 -14.34 10.24 -20.67
CA VAL A 73 -13.25 9.35 -20.27
C VAL A 73 -12.37 9.16 -21.46
N PHE A 74 -11.06 9.21 -21.34
CA PHE A 74 -10.23 8.95 -22.46
C PHE A 74 -9.29 7.85 -22.05
N SER A 75 -9.58 6.58 -22.36
CA SER A 75 -8.61 5.52 -22.09
C SER A 75 -7.66 5.43 -23.29
N ASN A 76 -6.56 4.72 -23.17
CA ASN A 76 -5.55 4.64 -24.23
C ASN A 76 -5.07 6.03 -24.69
N THR A 77 -5.15 7.03 -23.79
CA THR A 77 -4.74 8.39 -24.05
C THR A 77 -3.77 8.80 -22.98
N GLU A 78 -2.56 9.15 -23.37
CA GLU A 78 -1.56 9.47 -22.39
C GLU A 78 -1.33 10.95 -22.29
N ILE A 79 -1.11 11.54 -21.10
CA ILE A 79 -0.74 12.93 -20.99
C ILE A 79 0.76 12.87 -20.98
N THR A 80 1.27 13.40 -22.05
CA THR A 80 2.68 13.46 -22.35
C THR A 80 3.46 14.54 -21.63
N ALA A 81 2.81 15.69 -21.39
CA ALA A 81 3.46 16.88 -20.85
C ALA A 81 2.44 17.90 -20.39
N ILE A 82 2.88 18.66 -19.39
CA ILE A 82 2.06 19.72 -18.82
C ILE A 82 2.77 21.05 -19.11
N GLN A 83 2.02 22.09 -19.48
CA GLN A 83 2.54 23.44 -19.69
C GLN A 83 1.83 24.27 -18.63
N PRO A 84 2.35 24.39 -17.41
CA PRO A 84 1.62 24.94 -16.29
C PRO A 84 1.26 26.39 -16.53
N LYS A 85 2.12 27.20 -17.19
CA LYS A 85 1.79 28.59 -17.42
C LYS A 85 0.66 28.76 -18.40
N GLU A 86 0.65 28.09 -19.55
CA GLU A 86 -0.42 28.39 -20.47
C GLU A 86 -1.66 27.57 -20.17
N HIS A 87 -1.61 26.78 -19.09
CA HIS A 87 -2.71 25.96 -18.63
C HIS A 87 -3.17 25.03 -19.73
N GLN A 88 -2.17 24.26 -20.19
CA GLN A 88 -2.37 23.29 -21.27
C GLN A 88 -1.66 21.96 -21.01
N VAL A 89 -2.18 20.85 -21.51
CA VAL A 89 -1.48 19.56 -21.41
C VAL A 89 -1.41 19.04 -22.84
N THR A 90 -0.35 18.32 -23.19
CA THR A 90 -0.38 17.74 -24.51
C THR A 90 -0.66 16.26 -24.27
N VAL A 91 -1.70 15.76 -24.96
CA VAL A 91 -2.16 14.40 -24.84
C VAL A 91 -1.91 13.62 -26.12
N LYS A 92 -1.50 12.36 -26.02
CA LYS A 92 -1.29 11.49 -27.17
C LYS A 92 -2.26 10.32 -27.17
N ASP A 93 -3.06 10.19 -28.22
CA ASP A 93 -3.90 9.02 -28.41
C ASP A 93 -2.99 7.85 -28.84
N LEU A 94 -2.89 6.89 -27.92
CA LEU A 94 -2.02 5.77 -28.10
C LEU A 94 -2.53 4.81 -29.17
N VAL A 95 -3.82 4.71 -29.51
CA VAL A 95 -4.19 3.80 -30.59
C VAL A 95 -4.00 4.47 -31.94
N SER A 96 -4.29 5.77 -32.18
CA SER A 96 -4.02 6.33 -33.49
C SER A 96 -2.69 7.09 -33.63
N GLY A 97 -1.97 7.42 -32.58
CA GLY A 97 -0.74 8.20 -32.71
C GLY A 97 -1.00 9.71 -32.67
N GLU A 98 -2.25 10.16 -32.79
CA GLU A 98 -2.61 11.57 -32.74
C GLU A 98 -2.31 12.31 -31.44
N GLU A 99 -1.43 13.31 -31.49
CA GLU A 99 -1.15 14.20 -30.37
C GLU A 99 -2.11 15.38 -30.42
N ARG A 100 -2.43 16.09 -29.34
CA ARG A 100 -3.23 17.29 -29.43
C ARG A 100 -3.00 18.03 -28.12
N VAL A 101 -3.26 19.32 -28.07
CA VAL A 101 -3.04 20.08 -26.86
C VAL A 101 -4.42 20.34 -26.31
N GLU A 102 -4.64 20.18 -25.02
CA GLU A 102 -5.94 20.39 -24.41
C GLU A 102 -5.74 21.46 -23.34
N ASN A 103 -6.68 22.40 -23.20
CA ASN A 103 -6.54 23.50 -22.24
C ASN A 103 -7.30 23.15 -20.96
N TYR A 104 -6.98 23.68 -19.78
CA TYR A 104 -7.75 23.37 -18.57
C TYR A 104 -7.87 24.56 -17.64
N ASP A 105 -8.80 24.57 -16.70
CA ASP A 105 -8.80 25.59 -15.67
C ASP A 105 -8.10 25.06 -14.45
N LYS A 106 -8.24 23.77 -14.10
CA LYS A 106 -7.59 23.15 -12.95
C LYS A 106 -7.15 21.77 -13.42
N LEU A 107 -6.01 21.24 -12.99
CA LEU A 107 -5.50 19.95 -13.39
C LEU A 107 -5.26 19.16 -12.10
N ILE A 108 -5.77 17.95 -11.84
CA ILE A 108 -5.42 17.19 -10.64
C ILE A 108 -4.63 16.00 -11.18
N ILE A 109 -3.38 15.71 -10.83
CA ILE A 109 -2.71 14.58 -11.42
C ILE A 109 -2.45 13.50 -10.37
N SER A 110 -2.72 12.24 -10.71
CA SER A 110 -2.44 11.13 -9.83
C SER A 110 -1.66 10.11 -10.63
N PRO A 111 -0.39 10.41 -11.01
CA PRO A 111 0.39 9.60 -11.93
C PRO A 111 0.87 8.27 -11.34
N GLY A 112 0.79 8.06 -10.04
CA GLY A 112 1.17 6.80 -9.45
C GLY A 112 2.63 6.41 -9.45
N ALA A 113 2.85 5.12 -9.19
CA ALA A 113 4.18 4.57 -9.01
C ALA A 113 4.28 3.39 -9.96
N VAL A 114 5.48 2.92 -10.13
CA VAL A 114 5.83 1.88 -11.06
C VAL A 114 6.68 0.91 -10.25
N PRO A 115 6.73 -0.42 -10.52
CA PRO A 115 7.54 -1.37 -9.76
C PRO A 115 9.00 -1.07 -10.02
N PHE A 116 9.74 -1.03 -8.93
CA PHE A 116 11.17 -0.84 -9.00
C PHE A 116 11.77 -2.19 -9.43
N GLU A 117 12.70 -2.16 -10.36
CA GLU A 117 13.43 -3.34 -10.78
C GLU A 117 14.85 -3.31 -10.29
N LEU A 118 15.42 -4.48 -10.02
CA LEU A 118 16.83 -4.58 -9.68
C LEU A 118 17.51 -4.45 -11.03
N ASP A 119 18.52 -3.61 -11.19
CA ASP A 119 19.13 -3.47 -12.50
C ASP A 119 20.48 -4.16 -12.42
N ILE A 120 20.39 -5.46 -12.73
CA ILE A 120 21.53 -6.34 -12.54
C ILE A 120 21.71 -7.17 -13.80
N PRO A 121 22.83 -7.87 -14.01
CA PRO A 121 23.03 -8.73 -15.15
C PRO A 121 21.94 -9.78 -15.08
N GLY A 122 21.29 -10.00 -16.20
CA GLY A 122 20.23 -10.95 -16.27
C GLY A 122 18.90 -10.25 -16.26
N LYS A 123 18.90 -8.97 -15.83
CA LYS A 123 17.78 -8.05 -15.70
C LYS A 123 16.56 -8.43 -16.46
N ASP A 124 16.67 -8.80 -17.74
CA ASP A 124 15.53 -9.47 -18.28
C ASP A 124 15.65 -10.53 -19.36
N LEU A 125 15.96 -11.66 -18.72
CA LEU A 125 15.78 -12.98 -19.28
C LEU A 125 14.26 -13.14 -19.15
N ASP A 126 13.62 -14.07 -19.85
CA ASP A 126 12.17 -14.25 -19.67
C ASP A 126 11.85 -14.80 -18.27
N ASN A 127 10.58 -14.61 -17.90
CA ASN A 127 10.01 -15.08 -16.62
C ASN A 127 10.54 -14.42 -15.37
N ILE A 128 10.86 -13.13 -15.48
CA ILE A 128 11.16 -12.29 -14.36
C ILE A 128 9.97 -11.36 -14.44
N TYR A 129 9.00 -11.55 -13.53
CA TYR A 129 7.75 -10.82 -13.53
C TYR A 129 7.64 -9.76 -12.45
N LEU A 130 6.79 -8.77 -12.66
CA LEU A 130 6.48 -7.72 -11.68
C LEU A 130 5.03 -7.92 -11.22
N MET A 131 4.50 -7.23 -10.21
CA MET A 131 3.14 -7.49 -9.79
C MET A 131 2.38 -6.18 -9.66
N ARG A 132 1.81 -5.62 -10.71
CA ARG A 132 0.98 -4.43 -10.58
C ARG A 132 0.11 -4.40 -11.83
N GLY A 133 -1.18 -4.13 -11.76
CA GLY A 133 -1.99 -3.97 -12.95
C GLY A 133 -2.51 -5.27 -13.52
N ARG A 134 -3.45 -5.14 -14.45
CA ARG A 134 -4.15 -6.25 -15.07
C ARG A 134 -3.25 -7.29 -15.75
N GLN A 135 -2.33 -6.76 -16.54
CA GLN A 135 -1.52 -7.62 -17.38
C GLN A 135 -0.62 -8.50 -16.59
N TRP A 136 0.04 -7.98 -15.56
CA TRP A 136 0.83 -8.83 -14.71
C TRP A 136 -0.11 -9.72 -13.93
N ALA A 137 -1.35 -9.34 -13.55
CA ALA A 137 -2.26 -10.24 -12.84
C ALA A 137 -2.53 -11.49 -13.72
N ILE A 138 -2.86 -11.32 -15.01
CA ILE A 138 -3.16 -12.39 -15.95
C ILE A 138 -1.94 -13.27 -16.17
N LYS A 139 -0.79 -12.71 -16.39
CA LYS A 139 0.40 -13.49 -16.57
C LYS A 139 0.78 -14.28 -15.34
N LEU A 140 0.65 -13.73 -14.14
CA LEU A 140 0.99 -14.43 -12.91
C LEU A 140 -0.01 -15.59 -12.72
N LYS A 141 -1.29 -15.36 -13.02
CA LYS A 141 -2.30 -16.40 -12.96
C LYS A 141 -1.92 -17.56 -13.87
N GLN A 142 -1.56 -17.30 -15.14
CA GLN A 142 -1.20 -18.36 -16.06
C GLN A 142 -0.07 -19.20 -15.47
N LYS A 143 0.93 -18.63 -14.79
CA LYS A 143 2.05 -19.40 -14.27
C LYS A 143 1.71 -20.26 -13.09
N THR A 144 0.62 -19.97 -12.42
CA THR A 144 0.14 -20.72 -11.28
C THR A 144 -0.22 -22.17 -11.64
N VAL A 145 -0.70 -22.41 -12.87
CA VAL A 145 -1.11 -23.72 -13.33
C VAL A 145 -0.14 -24.32 -14.33
N ASP A 146 1.01 -23.69 -14.53
CA ASP A 146 1.96 -24.14 -15.51
C ASP A 146 2.74 -25.29 -14.90
N PRO A 147 2.66 -26.53 -15.41
CA PRO A 147 3.39 -27.66 -14.86
C PRO A 147 4.90 -27.51 -14.93
N GLU A 148 5.44 -26.70 -15.84
CA GLU A 148 6.88 -26.44 -15.93
C GLU A 148 7.43 -25.55 -14.85
N VAL A 149 6.60 -24.78 -14.16
CA VAL A 149 7.08 -23.91 -13.11
C VAL A 149 7.09 -24.71 -11.82
N ASN A 150 8.25 -25.03 -11.31
CA ASN A 150 8.34 -25.68 -10.02
C ASN A 150 8.94 -24.84 -8.91
N ASN A 151 9.97 -24.06 -9.22
CA ASN A 151 10.63 -23.22 -8.24
C ASN A 151 10.27 -21.79 -8.58
N VAL A 152 9.71 -21.07 -7.63
CA VAL A 152 9.43 -19.65 -7.72
C VAL A 152 10.34 -18.92 -6.73
N VAL A 153 11.06 -17.84 -7.10
CA VAL A 153 11.88 -17.04 -6.17
C VAL A 153 11.16 -15.68 -6.07
N VAL A 154 10.74 -15.10 -4.92
CA VAL A 154 10.22 -13.74 -4.99
C VAL A 154 11.26 -12.92 -4.27
N ILE A 155 11.59 -11.78 -4.88
CA ILE A 155 12.59 -10.87 -4.30
C ILE A 155 11.79 -9.73 -3.67
N GLY A 156 11.90 -9.66 -2.34
CA GLY A 156 11.24 -8.65 -1.54
C GLY A 156 10.26 -9.31 -0.60
N SER A 157 10.31 -9.09 0.70
CA SER A 157 9.32 -9.70 1.56
C SER A 157 8.44 -8.64 2.22
N GLY A 158 7.92 -7.72 1.45
CA GLY A 158 7.00 -6.75 2.02
C GLY A 158 5.62 -7.24 1.61
N TYR A 159 4.58 -6.41 1.59
CA TYR A 159 3.25 -6.89 1.30
C TYR A 159 3.09 -7.60 -0.02
N ILE A 160 3.53 -7.05 -1.14
CA ILE A 160 3.38 -7.71 -2.43
C ILE A 160 4.18 -9.00 -2.45
N GLY A 161 5.37 -9.03 -1.86
CA GLY A 161 6.22 -10.22 -1.90
C GLY A 161 5.56 -11.38 -1.19
N ILE A 162 5.09 -11.17 0.03
CA ILE A 162 4.44 -12.20 0.80
C ILE A 162 3.09 -12.52 0.13
N GLU A 163 2.36 -11.64 -0.56
CA GLU A 163 1.18 -12.09 -1.28
C GLU A 163 1.61 -12.96 -2.46
N ALA A 164 2.64 -12.69 -3.29
CA ALA A 164 3.03 -13.58 -4.38
C ALA A 164 3.48 -14.92 -3.75
N ALA A 165 4.27 -14.90 -2.68
CA ALA A 165 4.74 -16.10 -2.00
C ALA A 165 3.57 -16.98 -1.57
N GLU A 166 2.51 -16.49 -0.92
CA GLU A 166 1.40 -17.32 -0.47
C GLU A 166 0.62 -17.83 -1.69
N ALA A 167 0.32 -17.06 -2.72
CA ALA A 167 -0.43 -17.58 -3.83
C ALA A 167 0.35 -18.67 -4.57
N PHE A 168 1.67 -18.62 -4.77
CA PHE A 168 2.36 -19.66 -5.48
C PHE A 168 2.51 -20.87 -4.57
N ALA A 169 2.76 -20.74 -3.27
CA ALA A 169 2.84 -21.86 -2.35
C ALA A 169 1.49 -22.57 -2.36
N LYS A 170 0.37 -21.87 -2.33
CA LYS A 170 -0.91 -22.56 -2.33
C LYS A 170 -1.18 -23.28 -3.65
N ALA A 171 -0.55 -22.87 -4.75
CA ALA A 171 -0.73 -23.51 -6.04
C ALA A 171 0.19 -24.73 -6.17
N GLY A 172 0.99 -25.04 -5.15
CA GLY A 172 1.84 -26.19 -5.21
C GLY A 172 3.28 -25.90 -5.54
N LYS A 173 3.80 -24.68 -5.75
CA LYS A 173 5.21 -24.59 -6.15
C LYS A 173 6.12 -24.51 -4.95
N LYS A 174 7.43 -24.59 -5.11
CA LYS A 174 8.34 -24.39 -4.00
C LYS A 174 8.72 -22.92 -4.08
N VAL A 175 8.52 -22.13 -3.02
CA VAL A 175 8.81 -20.69 -3.04
C VAL A 175 9.99 -20.33 -2.13
N THR A 176 10.94 -19.53 -2.61
CA THR A 176 12.01 -18.98 -1.77
C THR A 176 11.74 -17.45 -1.81
N VAL A 177 11.73 -16.78 -0.66
CA VAL A 177 11.52 -15.34 -0.59
C VAL A 177 12.87 -14.75 -0.16
N ILE A 178 13.43 -13.78 -0.91
CA ILE A 178 14.73 -13.16 -0.56
C ILE A 178 14.54 -11.69 -0.17
N ASP A 179 15.20 -11.30 0.91
CA ASP A 179 15.22 -9.90 1.30
C ASP A 179 16.58 -9.49 1.85
N ILE A 180 16.93 -8.21 1.70
CA ILE A 180 18.13 -7.65 2.36
C ILE A 180 17.79 -7.46 3.84
N LEU A 181 16.55 -7.17 4.24
CA LEU A 181 16.24 -7.02 5.67
C LEU A 181 16.31 -8.37 6.35
N ASP A 182 16.21 -8.36 7.65
CA ASP A 182 16.44 -9.58 8.37
C ASP A 182 15.15 -10.24 8.78
N ARG A 183 13.98 -9.65 8.60
CA ARG A 183 12.76 -10.26 9.04
C ARG A 183 11.82 -10.12 7.88
N PRO A 184 10.99 -11.11 7.50
CA PRO A 184 9.92 -10.90 6.51
C PRO A 184 8.95 -9.90 7.12
N LEU A 185 8.38 -9.01 6.31
CA LEU A 185 7.38 -8.04 6.75
C LEU A 185 7.80 -7.06 7.85
N GLY A 186 9.13 -6.94 8.06
CA GLY A 186 9.75 -6.11 9.09
C GLY A 186 9.33 -4.66 9.01
N VAL A 187 8.98 -4.22 7.81
CA VAL A 187 8.59 -2.84 7.60
C VAL A 187 7.32 -2.54 8.33
N TYR A 188 6.45 -3.55 8.44
CA TYR A 188 5.10 -3.38 9.01
C TYR A 188 4.93 -3.92 10.42
N LEU A 189 5.72 -4.92 10.80
CA LEU A 189 5.51 -5.63 12.02
C LEU A 189 6.81 -5.80 12.72
N ASP A 190 6.82 -5.92 14.03
CA ASP A 190 8.02 -6.15 14.79
C ASP A 190 8.43 -7.59 14.94
N LYS A 191 9.56 -7.88 15.58
CA LYS A 191 10.08 -9.21 15.71
C LYS A 191 9.13 -10.19 16.37
N GLU A 192 8.33 -9.80 17.36
CA GLU A 192 7.50 -10.82 17.97
C GLU A 192 6.37 -11.28 17.06
N PHE A 193 5.95 -10.52 16.06
CA PHE A 193 4.95 -10.95 15.15
C PHE A 193 5.63 -11.71 14.03
N THR A 194 6.74 -11.23 13.45
CA THR A 194 7.32 -11.89 12.32
C THR A 194 7.99 -13.21 12.71
N ASP A 195 8.38 -13.51 13.94
CA ASP A 195 8.86 -14.84 14.28
C ASP A 195 7.74 -15.86 14.12
N VAL A 196 6.51 -15.55 14.44
CA VAL A 196 5.38 -16.46 14.35
C VAL A 196 5.08 -16.61 12.86
N LEU A 197 5.13 -15.52 12.06
CA LEU A 197 4.79 -15.66 10.65
C LEU A 197 5.88 -16.36 9.90
N THR A 198 7.16 -16.30 10.28
CA THR A 198 8.18 -17.08 9.62
C THR A 198 7.86 -18.57 9.79
N GLU A 199 7.54 -19.03 11.00
CA GLU A 199 7.12 -20.40 11.23
C GLU A 199 5.98 -20.85 10.32
N GLU A 200 4.89 -20.09 10.32
CA GLU A 200 3.76 -20.40 9.49
C GLU A 200 4.16 -20.53 8.03
N MET A 201 4.96 -19.64 7.48
CA MET A 201 5.39 -19.71 6.10
C MET A 201 6.27 -20.90 5.89
N GLU A 202 7.17 -21.22 6.80
CA GLU A 202 8.03 -22.37 6.58
C GLU A 202 7.23 -23.67 6.64
N ALA A 203 6.16 -23.71 7.41
CA ALA A 203 5.25 -24.83 7.49
C ALA A 203 4.57 -25.04 6.16
N ASN A 204 4.48 -24.04 5.32
CA ASN A 204 3.83 -24.22 4.05
C ASN A 204 4.89 -24.23 2.99
N ASN A 205 6.08 -24.73 3.32
CA ASN A 205 7.29 -24.74 2.49
C ASN A 205 7.60 -23.56 1.57
N ILE A 206 7.76 -22.45 2.30
CA ILE A 206 8.27 -21.19 1.79
C ILE A 206 9.61 -21.12 2.46
N THR A 207 10.70 -20.91 1.77
CA THR A 207 11.99 -20.72 2.42
C THR A 207 12.23 -19.20 2.47
N ILE A 208 12.55 -18.65 3.65
CA ILE A 208 12.83 -17.23 3.79
C ILE A 208 14.35 -17.10 3.83
N ALA A 209 14.88 -16.41 2.82
CA ALA A 209 16.30 -16.16 2.71
C ALA A 209 16.50 -14.65 2.95
N THR A 210 16.63 -14.29 4.20
CA THR A 210 16.86 -12.90 4.59
C THR A 210 18.32 -12.49 4.72
N GLY A 211 18.66 -11.21 4.63
CA GLY A 211 20.04 -10.79 4.77
C GLY A 211 20.84 -11.16 3.55
N GLU A 212 20.24 -11.19 2.37
CA GLU A 212 20.95 -11.51 1.14
C GLU A 212 20.72 -10.48 0.03
N THR A 213 21.80 -10.23 -0.73
CA THR A 213 21.83 -9.27 -1.82
C THR A 213 21.89 -10.01 -3.14
N VAL A 214 20.85 -9.93 -3.95
CA VAL A 214 20.81 -10.55 -5.26
C VAL A 214 21.85 -9.84 -6.12
N GLU A 215 22.66 -10.60 -6.82
CA GLU A 215 23.68 -10.05 -7.69
C GLU A 215 23.34 -10.28 -9.14
N ARG A 216 22.83 -11.42 -9.56
CA ARG A 216 22.53 -11.57 -10.96
C ARG A 216 21.49 -12.66 -11.13
N TYR A 217 20.84 -12.65 -12.28
CA TYR A 217 19.93 -13.72 -12.66
C TYR A 217 20.73 -14.44 -13.72
N GLU A 218 20.75 -15.77 -13.74
CA GLU A 218 21.46 -16.53 -14.76
C GLU A 218 20.49 -17.38 -15.53
N GLY A 219 20.75 -17.67 -16.80
CA GLY A 219 19.90 -18.56 -17.56
C GLY A 219 20.06 -18.38 -19.05
N ASP A 220 19.55 -19.33 -19.81
CA ASP A 220 19.68 -19.24 -21.24
C ASP A 220 18.33 -18.89 -21.79
N GLY A 221 18.19 -17.64 -22.23
CA GLY A 221 16.91 -17.21 -22.75
C GLY A 221 15.99 -16.80 -21.60
N ARG A 222 15.58 -17.75 -20.76
CA ARG A 222 14.75 -17.45 -19.60
C ARG A 222 15.54 -17.64 -18.32
N VAL A 223 15.04 -17.12 -17.19
CA VAL A 223 15.76 -17.24 -15.93
C VAL A 223 15.82 -18.70 -15.51
N GLN A 224 16.95 -19.05 -14.89
CA GLN A 224 17.17 -20.36 -14.33
C GLN A 224 17.76 -20.22 -12.94
N LYS A 225 18.58 -19.23 -12.65
CA LYS A 225 19.16 -19.13 -11.32
C LYS A 225 19.04 -17.70 -10.85
N VAL A 226 18.92 -17.50 -9.54
CA VAL A 226 18.98 -16.18 -8.94
C VAL A 226 20.21 -16.35 -8.07
N VAL A 227 21.30 -15.59 -8.26
CA VAL A 227 22.43 -15.77 -7.35
C VAL A 227 22.59 -14.50 -6.51
N THR A 228 22.77 -14.70 -5.21
CA THR A 228 22.92 -13.66 -4.23
C THR A 228 24.39 -13.70 -3.83
N ASP A 229 24.79 -12.81 -2.91
CA ASP A 229 26.13 -12.81 -2.37
C ASP A 229 26.44 -14.11 -1.63
N LYS A 230 25.44 -14.79 -1.06
CA LYS A 230 25.65 -15.97 -0.22
C LYS A 230 25.12 -17.24 -0.88
N ASN A 231 24.46 -17.24 -2.04
CA ASN A 231 23.77 -18.45 -2.45
C ASN A 231 23.25 -18.49 -3.85
N ALA A 232 22.88 -19.60 -4.48
CA ALA A 232 22.23 -19.54 -5.79
C ALA A 232 20.96 -20.36 -5.63
N TYR A 233 19.84 -19.92 -6.17
CA TYR A 233 18.58 -20.57 -6.00
C TYR A 233 18.07 -20.83 -7.39
N ASP A 234 17.53 -22.04 -7.60
CA ASP A 234 16.98 -22.42 -8.89
C ASP A 234 15.66 -21.73 -8.95
N ALA A 235 15.32 -21.24 -10.13
CA ALA A 235 14.10 -20.49 -10.24
C ALA A 235 13.56 -20.76 -11.60
N ASP A 236 12.28 -21.04 -11.71
CA ASP A 236 11.65 -21.11 -13.02
C ASP A 236 10.86 -19.84 -13.27
N LEU A 237 10.59 -19.07 -12.19
CA LEU A 237 9.84 -17.81 -12.20
C LEU A 237 10.44 -16.97 -11.06
N VAL A 238 10.61 -15.68 -11.33
CA VAL A 238 11.03 -14.72 -10.32
C VAL A 238 9.95 -13.64 -10.30
N VAL A 239 9.44 -13.26 -9.13
CA VAL A 239 8.50 -12.14 -9.02
C VAL A 239 9.35 -11.13 -8.24
N VAL A 240 9.48 -9.91 -8.78
CA VAL A 240 10.30 -8.86 -8.17
C VAL A 240 9.30 -7.94 -7.52
N ALA A 241 9.36 -7.87 -6.19
CA ALA A 241 8.46 -7.03 -5.39
C ALA A 241 9.31 -6.28 -4.36
N VAL A 242 10.18 -5.44 -4.92
CA VAL A 242 11.16 -4.72 -4.16
C VAL A 242 10.72 -3.28 -3.89
N GLY A 243 9.44 -2.89 -4.01
CA GLY A 243 8.99 -1.54 -3.75
C GLY A 243 8.62 -0.84 -5.03
N VAL A 244 8.31 0.43 -4.92
CA VAL A 244 7.70 1.18 -6.01
C VAL A 244 8.47 2.48 -6.33
N ARG A 245 8.75 2.98 -7.53
CA ARG A 245 9.35 4.29 -7.70
C ARG A 245 8.32 5.24 -8.34
N PRO A 246 8.20 6.55 -8.01
CA PRO A 246 7.19 7.44 -8.54
C PRO A 246 7.22 7.63 -10.06
N ASN A 247 6.07 7.69 -10.70
CA ASN A 247 6.06 7.85 -12.14
C ASN A 247 6.09 9.37 -12.43
N THR A 248 7.25 10.01 -12.25
CA THR A 248 7.35 11.44 -12.38
C THR A 248 8.50 11.92 -13.24
N ALA A 249 9.35 11.09 -13.83
CA ALA A 249 10.50 11.60 -14.58
C ALA A 249 10.09 12.50 -15.72
N TRP A 250 8.90 12.31 -16.29
CA TRP A 250 8.35 13.15 -17.35
C TRP A 250 7.94 14.54 -16.85
N LEU A 251 8.04 14.77 -15.55
CA LEU A 251 7.62 16.02 -14.94
C LEU A 251 8.83 16.80 -14.49
N LYS A 252 10.04 16.21 -14.56
CA LYS A 252 11.27 16.85 -14.15
C LYS A 252 11.35 18.11 -14.97
N GLY A 253 11.59 19.26 -14.35
CA GLY A 253 11.67 20.48 -15.13
C GLY A 253 10.32 21.17 -15.23
N THR A 254 9.20 20.49 -15.07
CA THR A 254 7.88 21.08 -15.16
C THR A 254 7.36 21.40 -13.78
N LEU A 255 7.55 20.53 -12.79
CA LEU A 255 7.02 20.74 -11.45
C LEU A 255 8.17 20.47 -10.52
N GLU A 256 8.18 21.02 -9.32
CA GLU A 256 9.26 20.73 -8.41
C GLU A 256 9.07 19.34 -7.83
N LEU A 257 10.16 18.61 -7.78
CA LEU A 257 10.21 17.27 -7.28
C LEU A 257 11.21 17.21 -6.16
N HIS A 258 11.02 16.29 -5.22
CA HIS A 258 11.99 15.98 -4.19
C HIS A 258 13.10 15.18 -4.86
N PRO A 259 14.28 15.02 -4.28
CA PRO A 259 15.41 14.27 -4.86
C PRO A 259 15.07 12.83 -5.27
N ASN A 260 14.19 12.19 -4.51
CA ASN A 260 13.77 10.86 -4.86
C ASN A 260 12.68 10.88 -5.90
N GLY A 261 12.26 11.96 -6.54
CA GLY A 261 11.26 11.88 -7.61
C GLY A 261 9.86 12.12 -7.15
N LEU A 262 9.54 12.12 -5.86
CA LEU A 262 8.20 12.44 -5.41
C LEU A 262 7.83 13.92 -5.70
N ILE A 263 6.61 14.24 -6.03
CA ILE A 263 6.17 15.61 -6.32
C ILE A 263 6.10 16.45 -5.04
N LYS A 264 6.58 17.70 -5.04
CA LYS A 264 6.43 18.54 -3.84
C LYS A 264 4.99 19.02 -3.76
N THR A 265 4.27 18.85 -2.65
CA THR A 265 2.92 19.37 -2.52
C THR A 265 2.73 19.93 -1.13
N ASP A 266 1.74 20.78 -0.88
CA ASP A 266 1.52 21.24 0.48
C ASP A 266 0.30 20.56 1.08
N GLU A 267 -0.25 21.05 2.19
CA GLU A 267 -1.37 20.38 2.85
C GLU A 267 -2.73 20.59 2.24
N TYR A 268 -2.74 21.22 1.07
CA TYR A 268 -3.95 21.47 0.29
C TYR A 268 -3.81 20.74 -1.06
N MET A 269 -2.76 19.91 -1.22
CA MET A 269 -2.48 19.09 -2.43
C MET A 269 -1.99 19.92 -3.61
N ARG A 270 -1.60 21.18 -3.36
CA ARG A 270 -1.10 22.09 -4.40
C ARG A 270 0.32 21.81 -4.79
N THR A 271 0.70 21.84 -6.07
CA THR A 271 2.08 21.59 -6.39
C THR A 271 2.81 22.92 -6.38
N SER A 272 4.01 22.97 -6.95
CA SER A 272 4.72 24.21 -7.05
C SER A 272 4.10 25.09 -8.10
N GLU A 273 3.15 24.69 -8.91
CA GLU A 273 2.70 25.49 -10.00
C GLU A 273 1.26 25.79 -9.79
N PRO A 274 0.71 26.97 -10.11
CA PRO A 274 -0.67 27.31 -9.82
C PRO A 274 -1.61 26.48 -10.67
N ASP A 275 -2.76 26.19 -10.07
CA ASP A 275 -3.81 25.39 -10.65
C ASP A 275 -3.51 23.93 -10.93
N VAL A 276 -2.41 23.30 -10.48
CA VAL A 276 -2.23 21.88 -10.68
C VAL A 276 -1.94 21.29 -9.32
N PHE A 277 -2.79 20.32 -8.99
CA PHE A 277 -2.73 19.57 -7.72
C PHE A 277 -2.12 18.19 -7.94
N ALA A 278 -1.47 17.52 -6.99
CA ALA A 278 -0.93 16.18 -7.21
C ALA A 278 -1.35 15.35 -6.00
N VAL A 279 -1.64 14.04 -6.19
CA VAL A 279 -2.26 13.18 -5.16
C VAL A 279 -1.64 11.77 -5.30
N GLY A 280 -1.75 10.90 -4.30
CA GLY A 280 -1.42 9.50 -4.46
C GLY A 280 -0.03 9.03 -4.15
N ASP A 281 0.36 7.91 -4.79
CA ASP A 281 1.66 7.29 -4.54
C ASP A 281 2.84 8.17 -4.89
N ALA A 282 2.63 9.11 -5.83
CA ALA A 282 3.71 10.02 -6.19
C ALA A 282 3.90 11.21 -5.25
N THR A 283 3.19 11.30 -4.10
CA THR A 283 3.34 12.40 -3.15
C THR A 283 3.69 11.99 -1.71
N LEU A 284 4.02 12.92 -0.79
CA LEU A 284 4.33 12.70 0.62
C LEU A 284 3.00 12.97 1.33
N ILE A 285 2.71 12.47 2.53
CA ILE A 285 1.44 12.72 3.18
C ILE A 285 1.74 13.04 4.63
N LYS A 286 0.91 13.84 5.26
CA LYS A 286 1.07 14.16 6.66
C LYS A 286 0.84 12.92 7.49
N TYR A 287 1.84 12.60 8.26
CA TYR A 287 1.89 11.43 9.06
C TYR A 287 1.75 11.88 10.48
N ASN A 288 0.57 11.85 11.06
CA ASN A 288 0.37 12.30 12.43
C ASN A 288 1.19 11.62 13.50
N PRO A 289 1.52 10.32 13.64
CA PRO A 289 2.35 9.81 14.74
C PRO A 289 3.61 10.61 14.99
N ALA A 290 4.17 11.25 13.96
CA ALA A 290 5.47 11.87 14.14
C ALA A 290 5.52 13.28 13.58
N ASP A 291 4.34 13.84 13.39
CA ASP A 291 4.18 15.14 12.83
C ASP A 291 5.12 15.54 11.70
N THR A 292 5.29 14.61 10.76
CA THR A 292 6.14 14.88 9.64
C THR A 292 5.44 14.40 8.39
N GLU A 293 6.01 14.54 7.20
CA GLU A 293 5.40 14.10 5.95
C GLU A 293 6.21 12.86 5.60
N VAL A 294 5.58 11.80 5.09
CA VAL A 294 6.21 10.53 4.75
C VAL A 294 5.51 10.05 3.48
N ASN A 295 6.19 9.26 2.67
CA ASN A 295 5.55 8.65 1.50
C ASN A 295 4.91 7.36 1.99
N ILE A 296 3.59 7.20 1.94
CA ILE A 296 2.92 6.00 2.44
C ILE A 296 2.00 5.60 1.30
N ALA A 297 2.53 4.74 0.46
CA ALA A 297 1.88 4.37 -0.78
C ALA A 297 0.73 3.40 -0.55
N LEU A 298 -0.42 3.90 -0.11
CA LEU A 298 -1.58 3.07 0.17
C LEU A 298 -2.77 3.64 -0.54
N ALA A 299 -3.74 2.81 -0.86
CA ALA A 299 -4.92 3.23 -1.54
C ALA A 299 -5.77 4.19 -0.75
N THR A 300 -5.88 4.00 0.56
CA THR A 300 -6.69 4.83 1.42
C THR A 300 -6.18 6.26 1.40
N ASN A 301 -4.87 6.48 1.58
CA ASN A 301 -4.22 7.79 1.44
C ASN A 301 -4.53 8.50 0.12
N ALA A 302 -4.35 7.82 -1.01
CA ALA A 302 -4.61 8.36 -2.34
C ALA A 302 -6.05 8.76 -2.54
N ARG A 303 -6.99 8.06 -1.91
CA ARG A 303 -8.41 8.33 -2.11
C ARG A 303 -8.75 9.59 -1.33
N LYS A 304 -8.20 9.73 -0.12
CA LYS A 304 -8.46 10.88 0.75
C LYS A 304 -7.83 12.15 0.17
N GLN A 305 -6.57 12.05 -0.24
CA GLN A 305 -5.88 13.11 -0.90
C GLN A 305 -6.64 13.53 -2.12
N GLY A 306 -7.10 12.61 -2.99
CA GLY A 306 -7.82 12.97 -4.20
C GLY A 306 -9.04 13.79 -3.88
N ARG A 307 -9.84 13.47 -2.86
CA ARG A 307 -10.96 14.31 -2.46
C ARG A 307 -10.51 15.64 -1.89
N PHE A 308 -9.45 15.74 -1.07
CA PHE A 308 -8.98 17.00 -0.52
C PHE A 308 -8.43 17.92 -1.58
N ALA A 309 -7.88 17.43 -2.69
CA ALA A 309 -7.47 18.29 -3.79
C ALA A 309 -8.70 18.96 -4.36
N VAL A 310 -9.87 18.34 -4.45
CA VAL A 310 -11.03 19.03 -5.02
C VAL A 310 -11.54 20.04 -4.01
N LYS A 311 -11.46 19.75 -2.72
CA LYS A 311 -11.89 20.68 -1.69
C LYS A 311 -11.10 21.97 -1.78
N ASN A 312 -9.82 21.94 -2.18
CA ASN A 312 -8.99 23.14 -2.29
C ASN A 312 -8.75 23.62 -3.69
N LEU A 313 -9.71 23.34 -4.55
CA LEU A 313 -9.59 23.63 -5.94
C LEU A 313 -9.53 25.12 -6.17
N GLU A 314 -10.38 25.90 -5.50
CA GLU A 314 -10.46 27.33 -5.74
C GLU A 314 -9.74 28.23 -4.74
N GLU A 315 -9.73 27.83 -3.48
CA GLU A 315 -9.09 28.52 -2.37
C GLU A 315 -8.55 27.42 -1.48
N PRO A 316 -7.33 27.56 -0.97
CA PRO A 316 -6.76 26.71 0.06
C PRO A 316 -7.61 26.91 1.26
N VAL A 317 -8.57 26.04 1.45
CA VAL A 317 -9.56 26.21 2.47
C VAL A 317 -9.60 25.07 3.46
N LYS A 318 -8.96 23.93 3.21
CA LYS A 318 -9.29 22.75 4.02
C LYS A 318 -7.99 21.97 4.16
N PRO A 319 -7.14 22.12 5.14
CA PRO A 319 -5.87 21.41 5.18
C PRO A 319 -6.06 19.94 5.42
N PHE A 320 -5.21 19.07 4.90
CA PHE A 320 -5.38 17.63 5.09
C PHE A 320 -5.14 17.24 6.54
N PRO A 321 -6.06 16.50 7.20
CA PRO A 321 -5.99 16.10 8.60
C PRO A 321 -4.89 15.11 8.91
N GLY A 322 -4.28 14.43 7.93
CA GLY A 322 -3.17 13.56 8.27
C GLY A 322 -3.68 12.13 8.49
N VAL A 323 -2.73 11.21 8.45
CA VAL A 323 -3.06 9.78 8.48
C VAL A 323 -2.08 9.09 9.42
N GLN A 324 -2.41 7.89 9.89
CA GLN A 324 -1.52 7.19 10.76
C GLN A 324 -0.84 6.03 10.07
N GLY A 325 -0.96 5.77 8.76
CA GLY A 325 -0.26 4.67 8.11
C GLY A 325 -0.92 3.31 8.39
N SER A 326 -2.23 3.19 8.63
CA SER A 326 -2.82 1.91 8.96
C SER A 326 -2.82 0.89 7.82
N SER A 327 -2.43 -0.38 8.01
CA SER A 327 -2.54 -1.39 6.98
C SER A 327 -2.81 -2.77 7.57
N GLY A 328 -3.47 -3.67 6.82
CA GLY A 328 -3.69 -5.03 7.32
C GLY A 328 -3.60 -6.06 6.22
N LEU A 329 -3.51 -7.33 6.61
CA LEU A 329 -3.38 -8.45 5.67
C LEU A 329 -3.57 -9.79 6.39
N ALA A 330 -4.07 -10.80 5.69
CA ALA A 330 -4.09 -12.15 6.23
C ALA A 330 -2.93 -12.93 5.63
N VAL A 331 -2.08 -13.62 6.35
CA VAL A 331 -1.05 -14.46 5.77
C VAL A 331 -1.39 -15.87 6.29
N PHE A 332 -1.83 -16.81 5.40
CA PHE A 332 -2.23 -18.18 5.72
C PHE A 332 -3.30 -18.09 6.81
N ASP A 333 -3.13 -18.62 8.01
CA ASP A 333 -4.21 -18.44 8.97
C ASP A 333 -4.22 -17.12 9.74
N TYR A 334 -3.13 -16.33 9.73
CA TYR A 334 -3.02 -15.18 10.59
C TYR A 334 -3.57 -13.96 9.92
N LYS A 335 -4.37 -13.20 10.67
CA LYS A 335 -4.93 -11.90 10.25
C LYS A 335 -4.24 -10.84 11.12
N PHE A 336 -3.53 -9.89 10.52
CA PHE A 336 -2.84 -8.90 11.34
C PHE A 336 -3.14 -7.50 10.83
N ALA A 337 -2.76 -6.49 11.62
CA ALA A 337 -2.97 -5.10 11.29
C ALA A 337 -2.07 -4.23 12.14
N SER A 338 -1.52 -3.18 11.55
CA SER A 338 -0.75 -2.22 12.33
C SER A 338 -1.07 -0.78 11.96
N THR A 339 -0.74 0.15 12.84
CA THR A 339 -0.93 1.56 12.55
C THR A 339 0.14 2.34 13.28
N GLY A 340 0.58 3.51 12.79
CA GLY A 340 1.53 4.31 13.56
C GLY A 340 2.90 3.72 13.64
N ILE A 341 3.67 3.98 14.68
CA ILE A 341 5.09 3.70 14.68
C ILE A 341 5.40 2.32 15.17
N ASN A 342 6.21 1.62 14.38
CA ASN A 342 6.73 0.34 14.82
C ASN A 342 8.24 0.52 14.91
N GLU A 343 9.02 -0.52 15.09
CA GLU A 343 10.45 -0.42 15.27
C GLU A 343 11.20 0.14 14.08
N VAL A 344 10.85 -0.23 12.87
CA VAL A 344 11.56 0.22 11.70
C VAL A 344 11.19 1.68 11.43
N MET A 345 9.95 2.11 11.64
CA MET A 345 9.56 3.51 11.45
C MET A 345 10.24 4.40 12.47
N ALA A 346 10.30 4.01 13.73
CA ALA A 346 10.95 4.79 14.74
C ALA A 346 12.43 4.93 14.43
N GLN A 347 13.09 3.93 13.86
CA GLN A 347 14.49 4.06 13.50
C GLN A 347 14.72 5.07 12.39
N LYS A 348 13.88 5.01 11.38
CA LYS A 348 13.96 5.90 10.23
C LYS A 348 13.78 7.35 10.66
N LEU A 349 12.79 7.61 11.51
CA LEU A 349 12.49 8.95 11.97
C LEU A 349 13.29 9.38 13.21
N GLY A 350 14.10 8.53 13.83
CA GLY A 350 14.84 8.91 15.02
C GLY A 350 13.95 9.26 16.23
N LYS A 351 12.83 8.54 16.38
CA LYS A 351 11.83 8.71 17.42
C LYS A 351 12.06 7.67 18.51
N GLU A 352 12.22 8.01 19.78
CA GLU A 352 12.45 7.01 20.80
C GLU A 352 11.07 6.61 21.32
N THR A 353 10.75 5.34 21.60
CA THR A 353 9.40 4.90 21.96
C THR A 353 9.52 3.85 23.05
N LYS A 354 8.42 3.48 23.69
CA LYS A 354 8.38 2.35 24.61
C LYS A 354 7.23 1.45 24.14
N ALA A 355 7.13 0.18 24.51
CA ALA A 355 6.07 -0.68 24.03
C ALA A 355 5.75 -1.78 25.03
N VAL A 356 4.53 -2.29 25.09
CA VAL A 356 4.29 -3.52 25.82
C VAL A 356 3.69 -4.49 24.80
N THR A 357 4.08 -5.76 24.88
CA THR A 357 3.44 -6.76 24.05
C THR A 357 2.64 -7.71 24.93
N VAL A 358 1.36 -8.01 24.65
CA VAL A 358 0.58 -8.94 25.43
C VAL A 358 0.21 -10.08 24.51
N VAL A 359 0.52 -11.33 24.86
CA VAL A 359 0.14 -12.46 24.03
C VAL A 359 -0.77 -13.32 24.89
N GLU A 360 -2.07 -13.45 24.68
CA GLU A 360 -2.86 -14.35 25.50
C GLU A 360 -4.16 -14.65 24.80
N ASP A 361 -5.00 -15.52 25.35
CA ASP A 361 -6.25 -15.85 24.68
C ASP A 361 -7.18 -14.68 24.76
N TYR A 362 -7.84 -14.35 23.66
CA TYR A 362 -8.70 -13.19 23.70
C TYR A 362 -10.07 -13.50 24.27
N LEU A 363 -10.39 -14.73 24.64
CA LEU A 363 -11.71 -15.02 25.18
C LEU A 363 -11.40 -15.64 26.53
N MET A 364 -12.38 -15.67 27.40
CA MET A 364 -12.20 -16.20 28.74
C MET A 364 -12.00 -17.70 28.65
N ASP A 365 -11.29 -18.16 29.63
CA ASP A 365 -10.91 -19.54 29.87
C ASP A 365 -11.93 -20.65 29.62
N PHE A 366 -13.15 -20.52 30.15
CA PHE A 366 -14.16 -21.53 29.94
C PHE A 366 -14.66 -21.53 28.49
N ASN A 367 -14.42 -20.52 27.66
CA ASN A 367 -15.02 -20.50 26.35
C ASN A 367 -14.16 -21.35 25.44
N PRO A 368 -14.66 -22.48 24.91
CA PRO A 368 -13.92 -23.37 24.04
C PRO A 368 -13.41 -22.76 22.72
N ASP A 369 -14.05 -21.69 22.25
CA ASP A 369 -13.59 -21.01 21.07
C ASP A 369 -12.38 -20.14 21.28
N LYS A 370 -11.82 -20.06 22.48
CA LYS A 370 -10.69 -19.20 22.70
C LYS A 370 -9.49 -19.42 21.81
N GLN A 371 -8.79 -18.38 21.31
CA GLN A 371 -7.53 -18.49 20.57
C GLN A 371 -6.60 -17.37 21.09
N LYS A 372 -5.28 -17.50 20.88
CA LYS A 372 -4.24 -16.52 21.19
C LYS A 372 -4.36 -15.28 20.33
N ALA A 373 -4.00 -14.15 20.91
CA ALA A 373 -3.90 -12.91 20.17
C ALA A 373 -2.62 -12.27 20.68
N TRP A 374 -1.96 -11.55 19.77
CA TRP A 374 -0.71 -10.82 20.04
C TRP A 374 -1.10 -9.34 19.92
N PHE A 375 -0.78 -8.46 20.88
CA PHE A 375 -1.10 -7.04 20.74
C PHE A 375 0.11 -6.28 21.28
N LYS A 376 0.63 -5.31 20.53
CA LYS A 376 1.80 -4.56 20.96
C LYS A 376 1.36 -3.10 20.97
N LEU A 377 1.54 -2.34 22.07
CA LEU A 377 1.10 -0.94 22.14
C LEU A 377 2.37 -0.12 22.27
N VAL A 378 2.63 0.76 21.30
CA VAL A 378 3.82 1.61 21.25
C VAL A 378 3.41 3.01 21.72
N TYR A 379 4.14 3.55 22.68
CA TYR A 379 3.80 4.87 23.18
C TYR A 379 4.99 5.78 23.37
N ASP A 380 4.73 7.07 23.58
CA ASP A 380 5.79 8.04 23.81
C ASP A 380 6.30 7.91 25.26
N PRO A 381 7.59 7.73 25.56
CA PRO A 381 8.09 7.64 26.92
C PRO A 381 7.89 8.91 27.75
N GLU A 382 7.88 10.10 27.15
CA GLU A 382 7.61 11.32 27.91
C GLU A 382 6.16 11.58 28.16
N THR A 383 5.30 11.70 27.15
CA THR A 383 3.90 12.01 27.39
C THR A 383 2.94 10.87 27.71
N THR A 384 3.47 9.67 27.41
CA THR A 384 2.81 8.39 27.31
C THR A 384 1.68 8.41 26.27
N GLN A 385 1.72 9.28 25.27
CA GLN A 385 0.74 9.29 24.20
C GLN A 385 0.93 8.07 23.30
N ILE A 386 -0.18 7.58 22.74
CA ILE A 386 -0.20 6.41 21.86
C ILE A 386 0.48 6.74 20.54
N LEU A 387 1.46 5.99 20.12
CA LEU A 387 2.18 6.23 18.88
C LEU A 387 1.92 5.15 17.83
N GLY A 388 1.40 3.98 18.18
CA GLY A 388 1.08 2.93 17.21
C GLY A 388 0.69 1.61 17.84
N ALA A 389 0.16 0.66 17.07
CA ALA A 389 -0.13 -0.62 17.66
C ALA A 389 -0.03 -1.66 16.58
N GLN A 390 0.19 -2.92 16.95
CA GLN A 390 0.27 -4.06 16.02
C GLN A 390 -0.54 -5.18 16.64
N LEU A 391 -1.42 -5.85 15.88
CA LEU A 391 -2.13 -7.00 16.43
C LEU A 391 -2.21 -8.16 15.45
N MET A 392 -2.27 -9.38 15.96
CA MET A 392 -2.34 -10.57 15.14
C MET A 392 -3.06 -11.67 15.91
N SER A 393 -3.83 -12.50 15.20
CA SER A 393 -4.49 -13.65 15.74
C SER A 393 -4.95 -14.43 14.53
N LYS A 394 -5.38 -15.68 14.72
CA LYS A 394 -6.06 -16.43 13.66
C LYS A 394 -7.50 -16.03 13.71
N ALA A 395 -8.00 -15.47 14.82
CA ALA A 395 -9.36 -14.96 14.80
C ALA A 395 -9.29 -13.57 14.19
N ASP A 396 -10.28 -13.02 13.51
CA ASP A 396 -10.12 -11.69 12.98
C ASP A 396 -10.40 -10.64 14.05
N LEU A 397 -9.38 -10.04 14.69
CA LEU A 397 -9.58 -8.97 15.64
C LEU A 397 -9.12 -7.66 15.00
N THR A 398 -8.92 -7.58 13.67
CA THR A 398 -8.29 -6.43 13.05
C THR A 398 -9.15 -5.18 13.11
N ALA A 399 -10.49 -5.15 13.22
CA ALA A 399 -11.19 -3.87 13.29
C ALA A 399 -10.74 -3.04 14.51
N ASN A 400 -10.14 -3.66 15.51
CA ASN A 400 -9.63 -2.96 16.67
C ASN A 400 -8.50 -2.01 16.33
N ILE A 401 -7.78 -2.20 15.23
CA ILE A 401 -6.71 -1.29 14.91
C ILE A 401 -7.33 0.05 14.58
N ASN A 402 -8.59 0.10 14.17
CA ASN A 402 -9.23 1.36 13.84
C ASN A 402 -9.42 2.26 15.05
N ALA A 403 -9.63 1.69 16.25
CA ALA A 403 -9.78 2.47 17.46
C ALA A 403 -8.41 3.02 17.81
N ILE A 404 -7.30 2.31 17.58
CA ILE A 404 -6.00 2.86 17.89
C ILE A 404 -5.63 3.99 16.96
N SER A 405 -5.97 3.89 15.70
CA SER A 405 -5.71 4.96 14.76
C SER A 405 -6.36 6.27 15.24
N LEU A 406 -7.62 6.30 15.66
CA LEU A 406 -8.28 7.45 16.25
C LEU A 406 -7.60 7.85 17.54
N ALA A 407 -7.17 6.98 18.40
CA ALA A 407 -6.51 7.33 19.63
C ALA A 407 -5.20 8.03 19.31
N ILE A 408 -4.46 7.72 18.24
CA ILE A 408 -3.19 8.39 17.92
C ILE A 408 -3.54 9.77 17.44
N GLN A 409 -4.44 9.86 16.48
CA GLN A 409 -4.91 11.13 15.98
C GLN A 409 -5.44 11.98 17.12
N ALA A 410 -6.18 11.54 18.13
CA ALA A 410 -6.66 12.44 19.16
C ALA A 410 -5.64 12.59 20.28
N LYS A 411 -4.41 12.15 20.15
CA LYS A 411 -3.39 12.27 21.17
C LYS A 411 -3.73 11.68 22.53
N MET A 412 -4.41 10.54 22.57
CA MET A 412 -4.74 9.90 23.83
C MET A 412 -3.50 9.24 24.35
N THR A 413 -3.60 8.85 25.60
CA THR A 413 -2.48 8.29 26.35
C THR A 413 -2.75 6.84 26.76
N ILE A 414 -1.73 6.12 27.22
CA ILE A 414 -1.98 4.79 27.75
C ILE A 414 -3.07 4.80 28.86
N GLU A 415 -3.17 5.86 29.67
CA GLU A 415 -4.16 5.83 30.71
C GLU A 415 -5.55 5.96 30.14
N ASP A 416 -5.72 6.71 29.06
CA ASP A 416 -7.03 6.85 28.46
C ASP A 416 -7.60 5.54 27.94
N LEU A 417 -6.68 4.75 27.37
CA LEU A 417 -7.04 3.51 26.77
C LEU A 417 -7.19 2.46 27.84
N ALA A 418 -6.42 2.51 28.95
CA ALA A 418 -6.59 1.53 29.99
C ALA A 418 -8.03 1.49 30.47
N TYR A 419 -8.72 2.61 30.54
CA TYR A 419 -10.08 2.60 31.05
C TYR A 419 -11.08 3.04 30.00
N ALA A 420 -10.77 3.01 28.70
CA ALA A 420 -11.73 3.45 27.71
C ALA A 420 -12.87 2.43 27.63
N ASP A 421 -14.07 2.87 27.30
CA ASP A 421 -15.20 2.00 27.39
C ASP A 421 -15.34 1.13 26.16
N PHE A 422 -14.92 -0.10 26.27
CA PHE A 422 -15.14 -1.04 25.18
C PHE A 422 -16.06 -2.15 25.74
N PHE A 423 -17.12 -2.51 25.01
CA PHE A 423 -18.08 -3.51 25.46
C PHE A 423 -17.50 -4.88 25.79
N PHE A 424 -18.20 -5.56 26.68
CA PHE A 424 -17.91 -6.95 27.01
C PHE A 424 -19.19 -7.80 26.83
N GLN A 425 -18.94 -8.96 26.22
CA GLN A 425 -19.92 -10.03 26.09
C GLN A 425 -19.04 -11.30 25.92
N PRO A 426 -19.12 -12.41 26.67
CA PRO A 426 -18.07 -13.42 26.63
C PRO A 426 -17.91 -14.23 25.35
N ALA A 427 -18.82 -14.09 24.39
CA ALA A 427 -18.66 -14.70 23.09
C ALA A 427 -17.74 -13.89 22.16
N PHE A 428 -17.41 -12.64 22.54
CA PHE A 428 -16.58 -11.74 21.74
C PHE A 428 -15.25 -11.33 22.36
N ASP A 429 -15.14 -11.20 23.69
CA ASP A 429 -13.90 -10.72 24.31
C ASP A 429 -13.88 -10.97 25.79
N LYS A 430 -12.81 -10.56 26.47
CA LYS A 430 -12.65 -10.58 27.93
C LYS A 430 -13.19 -9.29 28.56
N PRO A 431 -13.44 -9.19 29.89
CA PRO A 431 -13.99 -7.96 30.47
C PRO A 431 -13.04 -6.76 30.27
N TRP A 432 -11.72 -6.91 30.20
CA TRP A 432 -10.82 -5.85 29.77
C TRP A 432 -10.41 -6.41 28.41
N ASN A 433 -10.86 -5.79 27.33
CA ASN A 433 -10.59 -6.36 26.01
C ASN A 433 -9.15 -6.23 25.57
N ILE A 434 -8.84 -6.60 24.34
CA ILE A 434 -7.44 -6.56 23.86
C ILE A 434 -6.73 -5.18 23.98
N ILE A 435 -7.38 -4.04 23.69
CA ILE A 435 -6.75 -2.73 23.83
C ILE A 435 -6.61 -2.37 25.32
N ASN A 436 -7.63 -2.64 26.14
CA ASN A 436 -7.59 -2.33 27.57
C ASN A 436 -6.48 -3.10 28.22
N THR A 437 -6.28 -4.36 27.89
CA THR A 437 -5.29 -5.15 28.58
C THR A 437 -3.88 -4.69 28.32
N ALA A 438 -3.55 -4.33 27.08
CA ALA A 438 -2.20 -3.87 26.79
C ALA A 438 -1.96 -2.50 27.42
N ALA A 439 -2.95 -1.58 27.37
CA ALA A 439 -2.78 -0.27 27.99
C ALA A 439 -2.63 -0.40 29.51
N LEU A 440 -3.39 -1.29 30.20
CA LEU A 440 -3.24 -1.54 31.65
C LEU A 440 -1.83 -2.01 31.92
N GLU A 441 -1.25 -2.85 31.06
CA GLU A 441 0.11 -3.26 31.26
C GLU A 441 1.08 -2.12 31.14
N ALA A 442 0.88 -1.19 30.19
CA ALA A 442 1.73 -0.03 30.04
C ALA A 442 1.59 0.85 31.28
N VAL A 443 0.39 1.15 31.80
CA VAL A 443 0.22 1.88 33.06
C VAL A 443 1.05 1.24 34.18
N LYS A 444 0.96 -0.07 34.46
CA LYS A 444 1.81 -0.67 35.49
C LYS A 444 3.29 -0.44 35.23
N GLN A 445 3.77 -0.64 34.00
CA GLN A 445 5.17 -0.46 33.67
C GLN A 445 5.58 1.01 33.89
N GLU A 446 4.73 2.01 33.76
CA GLU A 446 5.13 3.37 34.01
C GLU A 446 4.73 3.76 35.42
N ARG A 447 4.50 2.85 36.35
CA ARG A 447 4.06 3.25 37.68
C ARG A 447 5.36 3.52 38.45
#